data_4HYQ
#
_entry.id   4HYQ
#
_cell.length_a   67.550
_cell.length_b   67.550
_cell.length_c   96.112
_cell.angle_alpha   90.00
_cell.angle_beta   90.00
_cell.angle_gamma   120.00
#
_symmetry.space_group_name_H-M   'P 31 2 1'
#
loop_
_entity.id
_entity.type
_entity.pdbx_description
1 polymer 'phospholipase A1'
2 non-polymer 'PENTAETHYLENE GLYCOL'
3 water water
#
_entity_poly.entity_id   1
_entity_poly.type   'polypeptide(L)'
_entity_poly.pdbx_seq_one_letter_code
;AAGGYVALGDSYSSGVGAGSYDSGSGDCRRTPKAYPALWAAANSPASFDFVACSGAVTSDVLNKQMGPLNSSTSLVSLTI
GGNDAGFADVMTTCVLQSEANCIARVNTAKAFVESTLPGRLDSVYSQVRAKAPSANVVVLGYPRFYKLNGTCVAGLTEGE
RTAINGAADLLNSVISKRAADHGYAYGDIAAAFTGHEICSGDSWLHSVKWTGINDSYHPTAAGQSGGYLPVLNSKA
;
_entity_poly.pdbx_strand_id   A
#
# COMPACT_ATOMS: atom_id res chain seq x y z
N ALA A 1 -13.51 -15.61 13.58
CA ALA A 1 -14.06 -14.88 12.40
C ALA A 1 -14.61 -15.86 11.38
N ALA A 2 -15.91 -15.77 11.13
CA ALA A 2 -16.57 -16.65 10.18
C ALA A 2 -16.12 -16.31 8.77
N GLY A 3 -15.91 -17.33 7.95
CA GLY A 3 -15.50 -17.08 6.59
C GLY A 3 -14.01 -16.89 6.41
N GLY A 4 -13.58 -17.02 5.16
CA GLY A 4 -12.18 -16.90 4.86
C GLY A 4 -11.73 -15.47 4.69
N TYR A 5 -10.45 -15.26 4.98
CA TYR A 5 -9.84 -13.95 4.82
C TYR A 5 -8.83 -14.07 3.68
N VAL A 6 -8.94 -13.19 2.68
CA VAL A 6 -8.00 -13.19 1.57
C VAL A 6 -7.32 -11.82 1.58
N ALA A 7 -5.99 -11.82 1.64
CA ALA A 7 -5.21 -10.58 1.66
C ALA A 7 -4.51 -10.38 0.31
N LEU A 8 -4.96 -9.37 -0.42
CA LEU A 8 -4.46 -9.04 -1.75
C LEU A 8 -3.59 -7.80 -1.76
N GLY A 9 -2.85 -7.63 -2.85
CA GLY A 9 -2.11 -6.40 -2.96
C GLY A 9 -0.64 -6.41 -3.31
N ASP A 10 -0.03 -5.27 -3.03
CA ASP A 10 1.38 -5.07 -3.31
C ASP A 10 2.26 -5.16 -2.07
N SER A 11 3.45 -4.56 -2.16
CA SER A 11 4.44 -4.59 -1.10
C SER A 11 3.99 -4.01 0.24
N TYR A 12 3.04 -3.08 0.22
CA TYR A 12 2.56 -2.49 1.48
C TYR A 12 1.68 -3.48 2.24
N SER A 13 1.17 -4.48 1.53
CA SER A 13 0.37 -5.52 2.16
C SER A 13 1.22 -6.78 2.39
N SER A 14 2.21 -7.03 1.51
CA SER A 14 3.03 -8.23 1.72
C SER A 14 3.90 -8.00 2.94
N GLY A 15 4.27 -6.75 3.18
CA GLY A 15 5.08 -6.46 4.35
C GLY A 15 6.52 -6.07 4.07
N VAL A 16 6.84 -5.69 2.83
CA VAL A 16 8.21 -5.25 2.54
C VAL A 16 8.51 -4.11 3.52
N GLY A 17 9.64 -4.21 4.23
CA GLY A 17 10.02 -3.21 5.20
C GLY A 17 9.89 -3.72 6.64
N ALA A 18 9.10 -4.76 6.84
CA ALA A 18 8.88 -5.29 8.18
C ALA A 18 9.83 -6.42 8.57
N GLY A 19 10.61 -6.93 7.62
CA GLY A 19 11.54 -8.02 7.92
C GLY A 19 10.91 -9.40 8.07
N SER A 20 11.75 -10.41 8.29
CA SER A 20 11.30 -11.81 8.46
C SER A 20 10.47 -12.34 7.29
N TYR A 21 10.93 -12.07 6.07
CA TYR A 21 10.19 -12.53 4.89
C TYR A 21 10.14 -14.04 4.82
N ASP A 22 9.01 -14.61 4.40
CA ASP A 22 8.99 -16.06 4.29
C ASP A 22 9.68 -16.43 2.97
N SER A 23 10.70 -17.26 3.03
CA SER A 23 11.43 -17.62 1.82
C SER A 23 10.54 -18.23 0.75
N GLY A 24 9.49 -18.93 1.16
CA GLY A 24 8.59 -19.56 0.20
C GLY A 24 7.83 -18.58 -0.69
N SER A 25 7.80 -17.30 -0.30
CA SER A 25 7.11 -16.30 -1.10
C SER A 25 8.04 -15.66 -2.12
N GLY A 26 9.32 -16.05 -2.11
CA GLY A 26 10.26 -15.50 -3.06
C GLY A 26 10.30 -13.99 -3.10
N ASP A 27 10.35 -13.42 -4.31
CA ASP A 27 10.41 -11.97 -4.48
C ASP A 27 9.13 -11.27 -4.03
N CYS A 28 8.08 -12.04 -3.75
CA CYS A 28 6.84 -11.40 -3.29
C CYS A 28 7.04 -10.82 -1.91
N ARG A 29 7.98 -11.40 -1.17
CA ARG A 29 8.29 -10.97 0.18
C ARG A 29 7.11 -10.72 1.12
N ARG A 30 6.38 -11.79 1.42
CA ARG A 30 5.31 -11.73 2.39
C ARG A 30 5.98 -12.09 3.71
N THR A 31 5.48 -11.53 4.81
CA THR A 31 6.04 -11.79 6.13
C THR A 31 4.95 -11.85 7.19
N PRO A 32 5.17 -12.65 8.25
CA PRO A 32 4.18 -12.77 9.33
C PRO A 32 4.08 -11.48 10.13
N LYS A 33 4.95 -10.52 9.85
CA LYS A 33 4.94 -9.24 10.51
C LYS A 33 4.06 -8.22 9.77
N ALA A 34 3.53 -8.63 8.62
CA ALA A 34 2.66 -7.77 7.81
C ALA A 34 1.26 -7.75 8.45
N TYR A 35 0.51 -6.66 8.28
CA TYR A 35 -0.81 -6.58 8.91
C TYR A 35 -1.79 -7.73 8.62
N PRO A 36 -1.80 -8.32 7.39
CA PRO A 36 -2.75 -9.41 7.19
C PRO A 36 -2.45 -10.62 8.07
N ALA A 37 -1.17 -10.93 8.22
CA ALA A 37 -0.77 -12.06 9.03
C ALA A 37 -1.02 -11.76 10.50
N LEU A 38 -0.75 -10.52 10.92
CA LEU A 38 -1.01 -10.14 12.31
C LEU A 38 -2.50 -10.24 12.60
N TRP A 39 -3.33 -9.77 11.67
CA TRP A 39 -4.77 -9.82 11.88
C TRP A 39 -5.28 -11.26 11.92
N ALA A 40 -4.82 -12.10 11.01
CA ALA A 40 -5.26 -13.49 10.96
C ALA A 40 -4.88 -14.26 12.24
N ALA A 41 -3.68 -13.98 12.77
CA ALA A 41 -3.24 -14.65 13.99
C ALA A 41 -4.10 -14.28 15.18
N ALA A 42 -4.53 -13.03 15.23
CA ALA A 42 -5.35 -12.56 16.34
C ALA A 42 -6.84 -12.86 16.20
N ASN A 43 -7.32 -13.00 14.97
CA ASN A 43 -8.75 -13.21 14.76
C ASN A 43 -9.23 -14.59 14.28
N SER A 44 -8.31 -15.50 14.01
CA SER A 44 -8.66 -16.86 13.60
C SER A 44 -9.76 -17.04 12.56
N PRO A 45 -9.56 -16.52 11.34
CA PRO A 45 -10.56 -16.66 10.28
C PRO A 45 -10.65 -18.14 9.88
N ALA A 46 -11.77 -18.53 9.28
CA ALA A 46 -11.96 -19.92 8.85
C ALA A 46 -10.80 -20.39 7.98
N SER A 47 -10.26 -19.47 7.18
CA SER A 47 -9.12 -19.75 6.32
C SER A 47 -8.39 -18.43 6.09
N PHE A 48 -7.13 -18.53 5.70
CA PHE A 48 -6.33 -17.32 5.47
C PHE A 48 -5.44 -17.55 4.27
N ASP A 49 -5.65 -16.78 3.21
CA ASP A 49 -4.83 -16.87 2.01
C ASP A 49 -4.18 -15.52 1.80
N PHE A 50 -2.86 -15.51 1.95
CA PHE A 50 -2.05 -14.30 1.85
C PHE A 50 -1.37 -14.34 0.48
N VAL A 51 -1.88 -13.56 -0.47
CA VAL A 51 -1.31 -13.58 -1.82
C VAL A 51 -0.73 -12.26 -2.33
N ALA A 52 -0.62 -11.28 -1.43
CA ALA A 52 -0.02 -9.99 -1.79
C ALA A 52 1.41 -10.23 -2.28
N CYS A 53 1.88 -9.37 -3.17
CA CYS A 53 3.21 -9.55 -3.74
C CYS A 53 3.92 -8.23 -4.00
N SER A 54 5.15 -8.11 -3.53
CA SER A 54 5.93 -6.89 -3.74
C SER A 54 5.99 -6.60 -5.24
N GLY A 55 5.74 -5.36 -5.63
CA GLY A 55 5.79 -4.98 -7.03
C GLY A 55 4.51 -5.19 -7.85
N ALA A 56 3.48 -5.74 -7.21
CA ALA A 56 2.23 -6.03 -7.92
C ALA A 56 1.54 -4.81 -8.52
N VAL A 57 0.99 -4.98 -9.72
CA VAL A 57 0.23 -3.92 -10.37
C VAL A 57 -1.19 -4.47 -10.46
N THR A 58 -2.15 -3.64 -10.86
CA THR A 58 -3.52 -4.11 -10.91
C THR A 58 -3.72 -5.36 -11.75
N SER A 59 -3.05 -5.46 -12.89
CA SER A 59 -3.24 -6.64 -13.72
C SER A 59 -2.71 -7.90 -13.01
N ASP A 60 -1.73 -7.75 -12.12
CA ASP A 60 -1.22 -8.91 -11.40
C ASP A 60 -2.25 -9.39 -10.38
N VAL A 61 -2.99 -8.46 -9.78
CA VAL A 61 -4.00 -8.88 -8.80
C VAL A 61 -5.03 -9.72 -9.54
N LEU A 62 -5.46 -9.24 -10.71
CA LEU A 62 -6.45 -9.96 -11.51
C LEU A 62 -5.95 -11.31 -12.01
N ASN A 63 -4.69 -11.35 -12.44
CA ASN A 63 -4.10 -12.58 -12.97
C ASN A 63 -3.60 -13.61 -11.95
N LYS A 64 -2.93 -13.14 -10.91
CA LYS A 64 -2.32 -14.04 -9.93
C LYS A 64 -2.91 -14.14 -8.54
N GLN A 65 -3.77 -13.20 -8.18
CA GLN A 65 -4.25 -13.18 -6.82
C GLN A 65 -5.70 -13.51 -6.54
N MET A 66 -6.51 -13.61 -7.59
CA MET A 66 -7.95 -13.86 -7.42
C MET A 66 -8.37 -15.27 -7.04
N GLY A 67 -7.51 -16.24 -7.27
CA GLY A 67 -7.86 -17.63 -6.99
C GLY A 67 -8.53 -17.98 -5.66
N PRO A 68 -8.01 -17.51 -4.51
CA PRO A 68 -8.62 -17.85 -3.23
C PRO A 68 -9.97 -17.22 -2.91
N LEU A 69 -10.41 -16.26 -3.72
CA LEU A 69 -11.70 -15.61 -3.46
C LEU A 69 -12.83 -16.54 -3.86
N ASN A 70 -13.84 -16.67 -3.00
CA ASN A 70 -14.98 -17.51 -3.33
C ASN A 70 -16.16 -17.10 -2.48
N SER A 71 -17.25 -17.84 -2.61
CA SER A 71 -18.48 -17.52 -1.88
C SER A 71 -18.33 -17.62 -0.36
N SER A 72 -17.30 -18.30 0.12
CA SER A 72 -17.12 -18.42 1.56
C SER A 72 -16.18 -17.34 2.12
N THR A 73 -15.66 -16.48 1.26
CA THR A 73 -14.76 -15.42 1.72
C THR A 73 -15.60 -14.37 2.45
N SER A 74 -15.17 -14.00 3.66
CA SER A 74 -15.91 -13.00 4.43
C SER A 74 -15.14 -11.69 4.58
N LEU A 75 -13.83 -11.71 4.32
CA LEU A 75 -13.01 -10.50 4.45
C LEU A 75 -11.93 -10.48 3.39
N VAL A 76 -11.76 -9.31 2.77
CA VAL A 76 -10.72 -9.11 1.77
C VAL A 76 -10.03 -7.79 2.09
N SER A 77 -8.70 -7.78 2.07
CA SER A 77 -7.97 -6.52 2.28
C SER A 77 -7.18 -6.32 1.00
N LEU A 78 -6.88 -5.07 0.68
CA LEU A 78 -6.17 -4.77 -0.55
C LEU A 78 -5.43 -3.44 -0.56
N THR A 79 -4.19 -3.46 -1.06
CA THR A 79 -3.46 -2.21 -1.32
C THR A 79 -2.98 -2.40 -2.75
N ILE A 80 -3.31 -1.46 -3.63
CA ILE A 80 -2.89 -1.59 -5.02
C ILE A 80 -3.04 -0.27 -5.78
N GLY A 81 -2.22 -0.07 -6.81
CA GLY A 81 -2.31 1.14 -7.61
C GLY A 81 -1.02 1.96 -7.64
N GLY A 82 -0.28 1.96 -6.53
CA GLY A 82 0.96 2.72 -6.48
C GLY A 82 1.92 2.35 -7.60
N ASN A 83 2.11 1.07 -7.85
CA ASN A 83 3.03 0.65 -8.91
C ASN A 83 2.48 0.87 -10.31
N ASP A 84 1.17 0.85 -10.48
CA ASP A 84 0.62 1.13 -11.81
C ASP A 84 1.03 2.54 -12.20
N ALA A 85 1.01 3.44 -11.22
CA ALA A 85 1.35 4.84 -11.46
C ALA A 85 2.85 5.11 -11.47
N GLY A 86 3.63 4.03 -11.35
CA GLY A 86 5.08 4.14 -11.38
C GLY A 86 5.77 4.86 -10.24
N PHE A 87 5.22 4.80 -9.04
CA PHE A 87 5.86 5.53 -7.97
C PHE A 87 7.26 5.08 -7.58
N ALA A 88 7.60 3.82 -7.85
CA ALA A 88 8.96 3.37 -7.56
C ALA A 88 9.92 4.09 -8.51
N ASP A 89 9.52 4.23 -9.77
CA ASP A 89 10.34 4.94 -10.76
C ASP A 89 10.38 6.42 -10.38
N VAL A 90 9.27 6.94 -9.88
CA VAL A 90 9.23 8.34 -9.46
C VAL A 90 10.25 8.56 -8.33
N MET A 91 10.24 7.66 -7.35
CA MET A 91 11.18 7.82 -6.24
C MET A 91 12.63 7.69 -6.70
N THR A 92 12.91 6.80 -7.64
CA THR A 92 14.28 6.65 -8.14
C THR A 92 14.69 7.96 -8.80
N THR A 93 13.79 8.54 -9.59
CA THR A 93 14.07 9.81 -10.26
C THR A 93 14.32 10.93 -9.26
N CYS A 94 13.49 11.02 -8.24
CA CYS A 94 13.63 12.07 -7.25
C CYS A 94 14.90 11.94 -6.42
N VAL A 95 15.33 10.72 -6.16
CA VAL A 95 16.54 10.50 -5.38
C VAL A 95 17.82 10.75 -6.19
N LEU A 96 17.85 10.24 -7.41
CA LEU A 96 19.04 10.34 -8.24
C LEU A 96 19.16 11.50 -9.22
N GLN A 97 18.08 12.25 -9.43
CA GLN A 97 18.15 13.37 -10.36
C GLN A 97 17.92 14.72 -9.69
N SER A 98 17.65 15.77 -10.48
CA SER A 98 17.46 17.10 -9.91
C SER A 98 16.03 17.34 -9.44
N GLU A 99 15.84 18.41 -8.67
CA GLU A 99 14.52 18.74 -8.17
C GLU A 99 13.55 18.91 -9.35
N ALA A 100 14.01 19.56 -10.40
CA ALA A 100 13.20 19.79 -11.59
C ALA A 100 12.77 18.47 -12.23
N ASN A 101 13.70 17.53 -12.30
CA ASN A 101 13.40 16.23 -12.88
C ASN A 101 12.38 15.51 -12.02
N CYS A 102 12.53 15.67 -10.71
CA CYS A 102 11.62 15.04 -9.76
C CYS A 102 10.20 15.56 -9.94
N ILE A 103 10.05 16.87 -10.01
CA ILE A 103 8.72 17.49 -10.19
C ILE A 103 8.04 17.04 -11.46
N ALA A 104 8.79 17.07 -12.55
CA ALA A 104 8.27 16.67 -13.85
C ALA A 104 7.80 15.22 -13.79
N ARG A 105 8.61 14.34 -13.23
CA ARG A 105 8.24 12.93 -13.14
C ARG A 105 7.02 12.74 -12.23
N VAL A 106 6.97 13.47 -11.13
CA VAL A 106 5.83 13.37 -10.21
C VAL A 106 4.57 13.81 -10.97
N ASN A 107 4.68 14.89 -11.75
CA ASN A 107 3.51 15.38 -12.46
C ASN A 107 2.99 14.39 -13.50
N THR A 108 3.89 13.66 -14.13
CA THR A 108 3.48 12.67 -15.10
C THR A 108 2.73 11.55 -14.37
N ALA A 109 3.20 11.21 -13.17
CA ALA A 109 2.55 10.18 -12.37
C ALA A 109 1.16 10.65 -11.93
N LYS A 110 1.06 11.89 -11.48
CA LYS A 110 -0.23 12.43 -11.04
C LYS A 110 -1.22 12.44 -12.19
N ALA A 111 -0.76 12.70 -13.41
CA ALA A 111 -1.67 12.72 -14.56
C ALA A 111 -2.24 11.33 -14.80
N PHE A 112 -1.41 10.31 -14.60
CA PHE A 112 -1.82 8.92 -14.79
C PHE A 112 -2.84 8.54 -13.70
N VAL A 113 -2.56 9.00 -12.48
CA VAL A 113 -3.44 8.72 -11.35
C VAL A 113 -4.84 9.26 -11.58
N GLU A 114 -4.95 10.46 -12.16
CA GLU A 114 -6.26 11.06 -12.41
C GLU A 114 -7.00 10.48 -13.60
N SER A 115 -6.28 10.21 -14.67
CA SER A 115 -6.88 9.76 -15.91
C SER A 115 -6.95 8.29 -16.23
N THR A 116 -6.00 7.51 -15.73
CA THR A 116 -5.95 6.10 -16.06
C THR A 116 -6.17 5.13 -14.92
N LEU A 117 -5.65 5.46 -13.74
CA LEU A 117 -5.80 4.57 -12.61
C LEU A 117 -7.25 4.27 -12.22
N PRO A 118 -8.16 5.27 -12.23
CA PRO A 118 -9.53 4.95 -11.83
C PRO A 118 -10.13 3.74 -12.56
N GLY A 119 -9.94 3.69 -13.87
CA GLY A 119 -10.49 2.58 -14.64
C GLY A 119 -9.91 1.22 -14.26
N ARG A 120 -8.61 1.19 -13.99
CA ARG A 120 -7.96 -0.05 -13.60
C ARG A 120 -8.44 -0.49 -12.24
N LEU A 121 -8.58 0.47 -11.31
CA LEU A 121 -9.07 0.13 -9.98
C LEU A 121 -10.51 -0.39 -10.07
N ASP A 122 -11.35 0.23 -10.91
CA ASP A 122 -12.72 -0.27 -11.05
C ASP A 122 -12.72 -1.72 -11.52
N SER A 123 -11.84 -2.03 -12.47
CA SER A 123 -11.73 -3.39 -13.00
C SER A 123 -11.34 -4.38 -11.89
N VAL A 124 -10.37 -4.02 -11.06
CA VAL A 124 -9.96 -4.92 -9.99
C VAL A 124 -11.07 -5.02 -8.93
N TYR A 125 -11.62 -3.88 -8.53
CA TYR A 125 -12.65 -3.87 -7.49
C TYR A 125 -13.89 -4.66 -7.93
N SER A 126 -14.29 -4.50 -9.18
CA SER A 126 -15.47 -5.23 -9.66
C SER A 126 -15.24 -6.74 -9.72
N GLN A 127 -14.05 -7.16 -10.15
CA GLN A 127 -13.77 -8.59 -10.22
C GLN A 127 -13.65 -9.22 -8.83
N VAL A 128 -13.15 -8.47 -7.86
CA VAL A 128 -13.04 -9.00 -6.51
C VAL A 128 -14.45 -9.31 -6.01
N ARG A 129 -15.37 -8.37 -6.20
CA ARG A 129 -16.76 -8.54 -5.77
C ARG A 129 -17.43 -9.69 -6.51
N ALA A 130 -17.12 -9.85 -7.80
CA ALA A 130 -17.74 -10.91 -8.56
C ALA A 130 -17.35 -12.29 -8.03
N LYS A 131 -16.10 -12.44 -7.60
CA LYS A 131 -15.63 -13.73 -7.10
C LYS A 131 -15.93 -13.97 -5.61
N ALA A 132 -16.08 -12.91 -4.85
CA ALA A 132 -16.37 -13.00 -3.42
C ALA A 132 -17.55 -12.07 -3.13
N PRO A 133 -18.76 -12.48 -3.54
CA PRO A 133 -19.98 -11.69 -3.35
C PRO A 133 -20.29 -11.22 -1.93
N SER A 134 -19.99 -12.04 -0.94
CA SER A 134 -20.34 -11.70 0.44
C SER A 134 -19.27 -11.06 1.30
N ALA A 135 -18.05 -10.93 0.78
CA ALA A 135 -17.00 -10.40 1.62
C ALA A 135 -17.01 -8.91 1.90
N ASN A 136 -16.57 -8.55 3.09
CA ASN A 136 -16.42 -7.16 3.46
C ASN A 136 -15.04 -6.89 2.84
N VAL A 137 -14.93 -5.84 2.03
CA VAL A 137 -13.67 -5.53 1.35
C VAL A 137 -13.13 -4.22 1.91
N VAL A 138 -11.90 -4.27 2.40
CA VAL A 138 -11.26 -3.10 2.97
C VAL A 138 -10.10 -2.72 2.05
N VAL A 139 -10.16 -1.52 1.46
CA VAL A 139 -9.08 -1.05 0.58
C VAL A 139 -8.30 -0.06 1.43
N LEU A 140 -7.02 -0.37 1.70
CA LEU A 140 -6.23 0.54 2.51
C LEU A 140 -5.43 1.45 1.61
N GLY A 141 -5.33 2.72 1.99
CA GLY A 141 -4.58 3.68 1.20
C GLY A 141 -3.10 3.60 1.53
N TYR A 142 -2.35 4.57 1.04
CA TYR A 142 -0.90 4.62 1.29
C TYR A 142 -0.56 5.76 2.23
N PRO A 143 0.61 5.70 2.87
CA PRO A 143 0.97 6.80 3.77
C PRO A 143 1.57 7.95 2.98
N ARG A 144 1.64 9.11 3.61
CA ARG A 144 2.32 10.25 3.01
C ARG A 144 3.74 9.86 3.39
N PHE A 145 4.73 10.17 2.56
CA PHE A 145 6.09 9.76 2.88
C PHE A 145 6.87 10.68 3.80
N TYR A 146 6.57 11.98 3.74
CA TYR A 146 7.32 12.95 4.52
C TYR A 146 6.59 13.90 5.45
N LYS A 147 7.35 14.32 6.46
CA LYS A 147 6.90 15.32 7.40
C LYS A 147 7.72 16.50 6.90
N LEU A 148 7.08 17.62 6.61
CA LEU A 148 7.80 18.79 6.13
C LEU A 148 8.27 19.55 7.35
N ASN A 149 9.58 19.59 7.56
CA ASN A 149 10.14 20.28 8.71
C ASN A 149 11.45 20.99 8.34
N GLY A 150 12.12 21.53 9.36
CA GLY A 150 13.37 22.23 9.14
C GLY A 150 14.52 21.37 8.67
N THR A 151 14.96 21.59 7.43
CA THR A 151 16.06 20.85 6.81
C THR A 151 16.26 19.46 7.38
N CYS A 152 15.87 18.45 6.61
CA CYS A 152 16.00 17.06 7.04
C CYS A 152 17.08 16.35 6.21
N VAL A 153 18.07 15.78 6.89
CA VAL A 153 19.17 15.10 6.21
C VAL A 153 18.75 13.88 5.41
N ALA A 154 19.10 13.88 4.12
CA ALA A 154 18.78 12.81 3.18
C ALA A 154 17.31 12.78 2.77
N GLY A 155 16.48 13.50 3.54
CA GLY A 155 15.05 13.56 3.27
C GLY A 155 14.57 14.28 2.01
N LEU A 156 15.48 14.59 1.08
CA LEU A 156 15.14 15.30 -0.17
C LEU A 156 14.93 16.78 0.07
N THR A 157 14.73 17.55 -0.99
CA THR A 157 14.49 18.97 -0.80
C THR A 157 13.02 19.13 -0.42
N GLU A 158 12.71 20.26 0.20
CA GLU A 158 11.35 20.56 0.60
C GLU A 158 10.41 20.52 -0.60
N GLY A 159 10.85 21.11 -1.71
CA GLY A 159 10.02 21.11 -2.90
C GLY A 159 9.70 19.71 -3.38
N GLU A 160 10.66 18.79 -3.27
CA GLU A 160 10.45 17.41 -3.71
C GLU A 160 9.53 16.68 -2.74
N ARG A 161 9.73 16.91 -1.44
CA ARG A 161 8.89 16.27 -0.43
C ARG A 161 7.45 16.73 -0.59
N THR A 162 7.27 18.01 -0.88
CA THR A 162 5.94 18.57 -1.07
C THR A 162 5.24 17.96 -2.27
N ALA A 163 5.99 17.80 -3.35
CA ALA A 163 5.47 17.23 -4.58
C ALA A 163 5.10 15.78 -4.38
N ILE A 164 5.96 15.03 -3.68
CA ILE A 164 5.72 13.62 -3.42
C ILE A 164 4.50 13.42 -2.50
N ASN A 165 4.41 14.24 -1.46
CA ASN A 165 3.27 14.15 -0.55
C ASN A 165 1.99 14.47 -1.32
N GLY A 166 2.09 15.43 -2.23
CA GLY A 166 0.93 15.84 -3.01
C GLY A 166 0.45 14.71 -3.89
N ALA A 167 1.40 13.94 -4.42
CA ALA A 167 1.08 12.80 -5.27
C ALA A 167 0.38 11.72 -4.44
N ALA A 168 0.86 11.49 -3.21
CA ALA A 168 0.21 10.51 -2.36
C ALA A 168 -1.23 10.94 -2.07
N ASP A 169 -1.41 12.22 -1.78
CA ASP A 169 -2.75 12.75 -1.50
C ASP A 169 -3.70 12.47 -2.66
N LEU A 170 -3.25 12.73 -3.88
CA LEU A 170 -4.06 12.52 -5.07
C LEU A 170 -4.36 11.03 -5.26
N LEU A 171 -3.36 10.18 -5.04
CA LEU A 171 -3.55 8.75 -5.18
C LEU A 171 -4.58 8.26 -4.17
N ASN A 172 -4.44 8.69 -2.92
CA ASN A 172 -5.37 8.27 -1.88
C ASN A 172 -6.78 8.81 -2.13
N SER A 173 -6.86 9.97 -2.76
CA SER A 173 -8.16 10.55 -3.07
C SER A 173 -8.88 9.67 -4.09
N VAL A 174 -8.15 9.27 -5.13
CA VAL A 174 -8.71 8.42 -6.19
C VAL A 174 -9.13 7.07 -5.60
N ILE A 175 -8.28 6.49 -4.76
CA ILE A 175 -8.60 5.20 -4.15
C ILE A 175 -9.81 5.29 -3.24
N SER A 176 -9.85 6.31 -2.40
CA SER A 176 -10.98 6.45 -1.47
C SER A 176 -12.30 6.59 -2.21
N LYS A 177 -12.29 7.37 -3.29
CA LYS A 177 -13.51 7.56 -4.07
C LYS A 177 -13.92 6.27 -4.76
N ARG A 178 -12.95 5.56 -5.33
CA ARG A 178 -13.30 4.32 -6.01
C ARG A 178 -13.83 3.29 -5.00
N ALA A 179 -13.22 3.22 -3.83
CA ALA A 179 -13.67 2.27 -2.81
C ALA A 179 -15.12 2.58 -2.40
N ALA A 180 -15.42 3.85 -2.13
CA ALA A 180 -16.78 4.21 -1.71
C ALA A 180 -17.79 3.85 -2.80
N ASP A 181 -17.41 4.06 -4.05
CA ASP A 181 -18.25 3.75 -5.20
C ASP A 181 -18.66 2.28 -5.25
N HIS A 182 -17.82 1.41 -4.71
CA HIS A 182 -18.08 -0.03 -4.69
C HIS A 182 -18.60 -0.51 -3.34
N GLY A 183 -18.82 0.40 -2.40
CA GLY A 183 -19.29 0.01 -1.09
C GLY A 183 -18.21 -0.66 -0.24
N TYR A 184 -16.96 -0.38 -0.58
CA TYR A 184 -15.82 -0.92 0.14
C TYR A 184 -15.38 0.06 1.20
N ALA A 185 -14.78 -0.45 2.27
CA ALA A 185 -14.26 0.43 3.32
C ALA A 185 -12.95 1.01 2.81
N TYR A 186 -12.63 2.22 3.24
CA TYR A 186 -11.37 2.85 2.89
C TYR A 186 -10.57 2.98 4.18
N GLY A 187 -9.35 2.43 4.19
CA GLY A 187 -8.50 2.50 5.37
C GLY A 187 -7.61 3.73 5.23
N ASP A 188 -7.77 4.70 6.13
CA ASP A 188 -6.99 5.94 6.04
C ASP A 188 -5.61 5.79 6.67
N ILE A 189 -4.69 5.22 5.92
CA ILE A 189 -3.32 5.00 6.39
C ILE A 189 -2.57 6.33 6.55
N ALA A 190 -2.84 7.30 5.67
CA ALA A 190 -2.19 8.60 5.76
C ALA A 190 -2.50 9.24 7.10
N ALA A 191 -3.75 9.12 7.55
CA ALA A 191 -4.14 9.67 8.83
C ALA A 191 -3.42 8.93 9.95
N ALA A 192 -3.42 7.60 9.88
CA ALA A 192 -2.76 6.78 10.90
C ALA A 192 -1.26 7.03 11.00
N PHE A 193 -0.63 7.37 9.87
CA PHE A 193 0.81 7.61 9.85
C PHE A 193 1.21 9.06 10.12
N THR A 194 0.24 9.92 10.37
CA THR A 194 0.56 11.32 10.64
C THR A 194 1.41 11.40 11.89
N GLY A 195 2.58 12.03 11.76
CA GLY A 195 3.50 12.15 12.88
C GLY A 195 4.48 10.99 12.91
N HIS A 196 4.42 10.14 11.89
CA HIS A 196 5.28 8.97 11.80
C HIS A 196 5.88 8.82 10.38
N GLU A 197 5.96 9.92 9.66
CA GLU A 197 6.52 9.94 8.33
C GLU A 197 8.04 10.11 8.43
N ILE A 198 8.73 10.08 7.29
CA ILE A 198 10.18 10.27 7.30
C ILE A 198 10.40 11.74 7.69
N CYS A 199 11.38 11.96 8.56
CA CYS A 199 11.72 13.28 9.08
C CYS A 199 10.82 13.70 10.24
N SER A 200 9.91 12.82 10.64
CA SER A 200 8.99 13.12 11.73
C SER A 200 9.63 13.03 13.12
N GLY A 201 10.72 12.26 13.23
CA GLY A 201 11.36 12.10 14.53
C GLY A 201 10.87 10.83 15.20
N ASP A 202 9.86 10.20 14.61
CA ASP A 202 9.30 8.95 15.13
C ASP A 202 8.72 8.21 13.92
N SER A 203 9.56 8.08 12.90
CA SER A 203 9.16 7.46 11.65
C SER A 203 8.79 5.98 11.71
N TRP A 204 7.73 5.64 10.98
CA TRP A 204 7.27 4.26 10.85
C TRP A 204 7.58 3.85 9.41
N LEU A 205 8.42 4.63 8.73
CA LEU A 205 8.80 4.33 7.36
C LEU A 205 10.31 4.30 7.18
N HIS A 206 10.78 3.45 6.27
CA HIS A 206 12.20 3.37 5.99
C HIS A 206 12.58 4.52 5.08
N SER A 207 13.75 5.10 5.30
CA SER A 207 14.25 6.17 4.45
C SER A 207 14.88 5.49 3.25
N VAL A 208 15.42 6.28 2.33
CA VAL A 208 16.07 5.72 1.14
C VAL A 208 17.18 4.76 1.53
N LYS A 209 17.20 3.59 0.89
CA LYS A 209 18.22 2.59 1.18
C LYS A 209 19.29 2.60 0.10
N TRP A 210 20.55 2.60 0.51
CA TRP A 210 21.65 2.58 -0.42
C TRP A 210 22.37 1.25 -0.36
N THR A 211 22.00 0.43 0.62
CA THR A 211 22.57 -0.90 0.79
C THR A 211 21.45 -1.85 1.23
N GLY A 212 21.67 -3.14 1.02
CA GLY A 212 20.69 -4.14 1.42
C GLY A 212 19.46 -4.25 0.53
N ILE A 213 18.39 -4.82 1.09
CA ILE A 213 17.13 -4.99 0.39
C ILE A 213 16.52 -3.59 0.21
N ASN A 214 15.92 -3.31 -0.94
CA ASN A 214 15.32 -1.99 -1.13
C ASN A 214 13.92 -1.88 -0.52
N ASP A 215 13.85 -1.50 0.76
CA ASP A 215 12.55 -1.30 1.40
C ASP A 215 12.32 0.20 1.63
N SER A 216 12.94 1.01 0.78
CA SER A 216 12.80 2.46 0.87
C SER A 216 11.32 2.86 0.85
N TYR A 217 10.94 3.80 1.71
CA TYR A 217 9.57 4.32 1.79
C TYR A 217 8.51 3.34 2.23
N HIS A 218 8.92 2.19 2.76
CA HIS A 218 7.97 1.18 3.21
C HIS A 218 7.83 1.17 4.71
N PRO A 219 6.70 0.67 5.21
CA PRO A 219 6.46 0.61 6.65
C PRO A 219 7.45 -0.30 7.37
N THR A 220 7.87 0.10 8.57
CA THR A 220 8.75 -0.71 9.38
C THR A 220 7.81 -1.70 10.06
N ALA A 221 8.37 -2.60 10.87
CA ALA A 221 7.51 -3.54 11.59
C ALA A 221 6.56 -2.76 12.51
N ALA A 222 7.03 -1.65 13.06
CA ALA A 222 6.19 -0.82 13.93
C ALA A 222 5.06 -0.19 13.11
N GLY A 223 5.38 0.19 11.87
CA GLY A 223 4.36 0.79 11.01
C GLY A 223 3.27 -0.22 10.68
N GLN A 224 3.66 -1.47 10.49
CA GLN A 224 2.68 -2.52 10.19
C GLN A 224 1.79 -2.84 11.39
N SER A 225 2.37 -2.95 12.57
CA SER A 225 1.58 -3.30 13.75
C SER A 225 0.87 -2.12 14.41
N GLY A 226 1.45 -0.94 14.28
CA GLY A 226 0.87 0.24 14.92
C GLY A 226 0.06 1.12 14.00
N GLY A 227 0.30 0.99 12.70
CA GLY A 227 -0.43 1.80 11.73
C GLY A 227 -1.40 0.99 10.88
N TYR A 228 -0.89 0.05 10.09
CA TYR A 228 -1.79 -0.72 9.24
C TYR A 228 -2.76 -1.62 10.00
N LEU A 229 -2.26 -2.36 10.98
CA LEU A 229 -3.14 -3.28 11.70
C LEU A 229 -4.35 -2.61 12.36
N PRO A 230 -4.13 -1.50 13.10
CA PRO A 230 -5.28 -0.85 13.74
C PRO A 230 -6.30 -0.34 12.71
N VAL A 231 -5.82 0.10 11.56
CA VAL A 231 -6.71 0.57 10.51
C VAL A 231 -7.56 -0.61 10.00
N LEU A 232 -6.93 -1.75 9.74
CA LEU A 232 -7.70 -2.91 9.30
C LEU A 232 -8.68 -3.33 10.41
N ASN A 233 -8.23 -3.34 11.66
CA ASN A 233 -9.10 -3.73 12.78
C ASN A 233 -10.35 -2.87 12.80
N SER A 234 -10.19 -1.60 12.51
CA SER A 234 -11.31 -0.65 12.53
C SER A 234 -12.33 -0.83 11.41
N LYS A 235 -11.94 -1.50 10.33
CA LYS A 235 -12.83 -1.67 9.20
C LYS A 235 -13.25 -3.11 8.89
N ALA A 236 -12.53 -4.09 9.45
CA ALA A 236 -12.81 -5.50 9.16
C ALA A 236 -14.20 -5.99 9.56
#